data_3O3X
#
_entry.id   3O3X
#
_cell.length_a   54.459
_cell.length_b   57.936
_cell.length_c   61.689
_cell.angle_alpha   90.00
_cell.angle_beta   90.00
_cell.angle_gamma   90.00
#
_symmetry.space_group_name_H-M   'P 21 21 21'
#
loop_
_entity.id
_entity.type
_entity.pdbx_description
1 polymer gp41-5
2 non-polymer (4S)-2-METHYL-2,4-PENTANEDIOL
3 non-polymer 'ISOPROPYL ALCOHOL'
4 water water
#
_entity_poly.entity_id   1
_entity_poly.type   'polypeptide(L)'
_entity_poly.pdbx_seq_one_letter_code
;SGIVQQQNNLLRAIEAQQHLLQLTVWGIKQLQARILSGGSGGWMEWDREINNYTSLIHSLIEESQNQQEKNEQELLGGSG
GSGIVQQQNNLLRAIEAQQHLLQLTVWGIKQLQARILSGGSGGWMEWDREINNYTSLIHSLIEESQNQQEKNEQELLGGS
GGSGIVQQQNNLLRAIEAQQHLLQLTVWGIKQLQARIL
;
_entity_poly.pdbx_strand_id   A
#
loop_
_chem_comp.id
_chem_comp.type
_chem_comp.name
_chem_comp.formula
IPA non-polymer 'ISOPROPYL ALCOHOL' 'C3 H8 O'
MPD non-polymer (4S)-2-METHYL-2,4-PENTANEDIOL 'C6 H14 O2'
#
# COMPACT_ATOMS: atom_id res chain seq x y z
N SER A 1 -22.55 6.17 0.45
CA SER A 1 -23.17 4.82 0.25
C SER A 1 -23.03 3.99 1.50
N GLY A 2 -23.65 2.80 1.47
CA GLY A 2 -23.65 1.84 2.55
C GLY A 2 -22.24 1.32 2.72
N ILE A 3 -22.00 0.79 3.91
CA ILE A 3 -20.71 0.25 4.25
C ILE A 3 -20.21 -0.84 3.27
N VAL A 4 -21.09 -1.72 2.80
CA VAL A 4 -20.65 -2.78 1.89
C VAL A 4 -20.19 -2.19 0.55
N GLN A 5 -20.91 -1.21 0.02
CA GLN A 5 -20.44 -0.54 -1.19
C GLN A 5 -19.13 0.24 -0.98
N GLN A 6 -19.00 0.90 0.17
CA GLN A 6 -17.76 1.62 0.51
C GLN A 6 -16.58 0.63 0.52
N GLN A 7 -16.82 -0.58 1.00
CA GLN A 7 -15.79 -1.64 1.02
C GLN A 7 -15.44 -2.15 -0.35
N ASN A 8 -16.44 -2.27 -1.22
CA ASN A 8 -16.19 -2.57 -2.62
C ASN A 8 -15.29 -1.52 -3.23
N ASN A 9 -15.60 -0.25 -3.01
CA ASN A 9 -14.84 0.86 -3.56
C ASN A 9 -13.42 0.78 -3.05
N LEU A 10 -13.24 0.49 -1.75
CA LEU A 10 -11.89 0.51 -1.19
CA LEU A 10 -11.91 0.47 -1.17
C LEU A 10 -11.10 -0.68 -1.76
N LEU A 11 -11.72 -1.85 -1.90
CA LEU A 11 -11.03 -3.00 -2.49
C LEU A 11 -10.60 -2.71 -3.92
N ARG A 12 -11.46 -2.05 -4.67
CA ARG A 12 -11.11 -1.68 -6.05
C ARG A 12 -9.94 -0.72 -6.05
N ALA A 13 -9.90 0.19 -5.08
CA ALA A 13 -8.80 1.14 -4.97
C ALA A 13 -7.49 0.43 -4.63
N ILE A 14 -7.56 -0.58 -3.78
CA ILE A 14 -6.39 -1.42 -3.44
C ILE A 14 -5.90 -2.20 -4.65
N GLU A 15 -6.81 -2.75 -5.44
CA GLU A 15 -6.43 -3.46 -6.67
CA GLU A 15 -6.42 -3.47 -6.65
C GLU A 15 -5.75 -2.52 -7.66
N ALA A 16 -6.26 -1.30 -7.78
CA ALA A 16 -5.69 -0.32 -8.70
C ALA A 16 -4.31 0.15 -8.23
N GLN A 17 -4.16 0.35 -6.92
CA GLN A 17 -2.86 0.63 -6.34
C GLN A 17 -1.90 -0.50 -6.64
N GLN A 18 -2.36 -1.73 -6.55
CA GLN A 18 -1.48 -2.87 -6.75
C GLN A 18 -0.95 -2.94 -8.16
N HIS A 19 -1.79 -2.59 -9.14
CA HIS A 19 -1.32 -2.63 -10.51
C HIS A 19 -0.20 -1.64 -10.71
N LEU A 20 -0.40 -0.41 -10.26
CA LEU A 20 0.60 0.65 -10.41
C LEU A 20 1.87 0.34 -9.57
N LEU A 21 1.69 -0.18 -8.36
CA LEU A 21 2.81 -0.59 -7.49
CA LEU A 21 2.81 -0.49 -7.50
C LEU A 21 3.68 -1.55 -8.21
N GLN A 22 3.07 -2.54 -8.83
CA GLN A 22 3.79 -3.58 -9.57
CA GLN A 22 3.84 -3.55 -9.53
C GLN A 22 4.59 -2.96 -10.72
N LEU A 23 3.98 -2.01 -11.42
CA LEU A 23 4.73 -1.31 -12.49
C LEU A 23 5.95 -0.59 -11.91
N THR A 24 5.80 0.02 -10.74
CA THR A 24 6.93 0.67 -10.10
C THR A 24 8.04 -0.30 -9.70
N VAL A 25 7.67 -1.49 -9.22
CA VAL A 25 8.66 -2.52 -8.86
C VAL A 25 9.46 -2.90 -10.10
N TRP A 26 8.75 -3.18 -11.19
CA TRP A 26 9.42 -3.55 -12.42
C TRP A 26 10.28 -2.39 -12.94
N GLY A 27 9.80 -1.16 -12.81
CA GLY A 27 10.56 0.00 -13.25
C GLY A 27 11.88 0.13 -12.49
N ILE A 28 11.83 -0.11 -11.19
CA ILE A 28 13.03 -0.05 -10.38
C ILE A 28 14.00 -1.16 -10.79
N LYS A 29 13.50 -2.38 -11.00
CA LYS A 29 14.36 -3.47 -11.41
CA LYS A 29 14.39 -3.47 -11.39
C LYS A 29 15.04 -3.16 -12.74
N GLN A 30 14.30 -2.57 -13.67
CA GLN A 30 14.86 -2.24 -14.98
C GLN A 30 16.03 -1.27 -14.82
N LEU A 31 15.84 -0.24 -14.00
CA LEU A 31 16.88 0.76 -13.75
C LEU A 31 18.07 0.15 -13.03
N GLN A 32 17.80 -0.66 -12.01
CA GLN A 32 18.85 -1.26 -11.22
C GLN A 32 19.75 -2.12 -12.12
N ALA A 33 19.18 -2.90 -13.03
CA ALA A 33 19.98 -3.79 -13.87
C ALA A 33 20.94 -3.03 -14.77
N ARG A 34 20.64 -1.77 -15.09
CA ARG A 34 21.54 -1.00 -15.94
C ARG A 34 22.78 -0.51 -15.20
N ILE A 35 22.68 -0.30 -13.88
CA ILE A 35 23.71 0.44 -13.16
C ILE A 35 24.33 -0.26 -11.96
N LEU A 36 23.75 -1.38 -11.50
CA LEU A 36 24.20 -2.08 -10.31
C LEU A 36 24.11 -3.57 -10.52
N SER A 37 24.99 -4.31 -9.87
CA SER A 37 24.99 -5.79 -9.98
C SER A 37 23.82 -6.45 -9.38
N GLY A 38 23.24 -5.86 -8.35
CA GLY A 38 22.14 -6.56 -7.67
C GLY A 38 22.59 -7.61 -6.67
N GLY A 39 23.90 -7.76 -6.50
CA GLY A 39 24.46 -8.71 -5.56
C GLY A 39 25.16 -8.15 -4.32
N SER A 40 24.98 -6.87 -4.05
CA SER A 40 25.53 -6.20 -2.89
CA SER A 40 25.48 -6.24 -2.84
C SER A 40 24.51 -5.15 -2.49
N GLY A 41 24.76 -4.50 -1.35
CA GLY A 41 24.05 -3.31 -0.95
C GLY A 41 22.58 -3.49 -0.62
N GLY A 42 22.17 -4.72 -0.36
CA GLY A 42 20.79 -5.01 0.06
C GLY A 42 19.88 -5.50 -1.05
N TRP A 43 20.34 -5.57 -2.29
CA TRP A 43 19.44 -5.86 -3.39
C TRP A 43 18.89 -7.28 -3.41
N MET A 44 19.66 -8.28 -2.98
CA MET A 44 19.08 -9.61 -2.92
CA MET A 44 19.13 -9.63 -2.88
C MET A 44 18.03 -9.70 -1.82
N GLU A 45 18.25 -9.01 -0.72
CA GLU A 45 17.26 -8.91 0.36
C GLU A 45 15.99 -8.22 -0.17
N TRP A 46 16.17 -7.14 -0.93
CA TRP A 46 15.08 -6.42 -1.54
C TRP A 46 14.24 -7.30 -2.44
N ASP A 47 14.91 -8.06 -3.31
CA ASP A 47 14.23 -8.96 -4.25
CA ASP A 47 14.19 -8.92 -4.24
C ASP A 47 13.35 -9.95 -3.48
N ARG A 48 13.90 -10.51 -2.40
CA ARG A 48 13.20 -11.48 -1.57
C ARG A 48 11.95 -10.87 -0.95
N GLU A 49 12.12 -9.70 -0.31
CA GLU A 49 11.01 -9.04 0.38
CA GLU A 49 11.01 -9.08 0.39
C GLU A 49 9.93 -8.62 -0.62
N ILE A 50 10.34 -8.08 -1.76
CA ILE A 50 9.38 -7.73 -2.81
C ILE A 50 8.59 -8.95 -3.25
N ASN A 51 9.28 -10.07 -3.45
CA ASN A 51 8.63 -11.30 -3.88
CA ASN A 51 8.58 -11.24 -3.91
C ASN A 51 7.59 -11.77 -2.86
N ASN A 52 8.00 -11.77 -1.61
CA ASN A 52 7.12 -12.24 -0.54
C ASN A 52 5.88 -11.35 -0.43
N TYR A 53 6.10 -10.03 -0.31
CA TYR A 53 4.96 -9.14 -0.12
C TYR A 53 4.06 -9.10 -1.36
N THR A 54 4.60 -9.29 -2.55
CA THR A 54 3.77 -9.38 -3.73
C THR A 54 2.82 -10.59 -3.62
N SER A 55 3.36 -11.72 -3.19
CA SER A 55 2.52 -12.89 -3.01
C SER A 55 1.46 -12.62 -1.95
N LEU A 56 1.91 -11.99 -0.87
CA LEU A 56 1.00 -11.74 0.28
C LEU A 56 -0.15 -10.81 -0.13
N ILE A 57 0.16 -9.71 -0.83
CA ILE A 57 -0.91 -8.81 -1.20
C ILE A 57 -1.92 -9.49 -2.14
N HIS A 58 -1.46 -10.28 -3.09
CA HIS A 58 -2.40 -10.96 -3.96
C HIS A 58 -3.28 -11.92 -3.17
N SER A 59 -2.68 -12.60 -2.19
CA SER A 59 -3.48 -13.47 -1.33
C SER A 59 -4.53 -12.73 -0.49
N LEU A 60 -4.13 -11.57 0.02
CA LEU A 60 -5.04 -10.67 0.74
C LEU A 60 -6.16 -10.15 -0.13
N ILE A 61 -5.86 -9.81 -1.37
CA ILE A 61 -6.89 -9.40 -2.32
C ILE A 61 -7.88 -10.53 -2.56
N GLU A 62 -7.38 -11.74 -2.74
CA GLU A 62 -8.24 -12.92 -2.91
C GLU A 62 -9.18 -13.08 -1.70
N GLU A 63 -8.61 -13.03 -0.50
CA GLU A 63 -9.41 -13.17 0.74
C GLU A 63 -10.48 -12.07 0.79
N SER A 64 -10.10 -10.84 0.49
CA SER A 64 -11.00 -9.70 0.51
C SER A 64 -12.10 -9.86 -0.55
N GLN A 65 -11.78 -10.33 -1.74
CA GLN A 65 -12.79 -10.54 -2.80
CA GLN A 65 -12.77 -10.52 -2.81
C GLN A 65 -13.79 -11.58 -2.38
N ASN A 66 -13.31 -12.66 -1.74
CA ASN A 66 -14.22 -13.72 -1.26
C ASN A 66 -15.17 -13.14 -0.23
N GLN A 67 -14.65 -12.35 0.69
CA GLN A 67 -15.51 -11.80 1.72
C GLN A 67 -16.45 -10.75 1.16
N GLN A 68 -16.02 -10.01 0.15
CA GLN A 68 -16.84 -8.99 -0.44
C GLN A 68 -18.04 -9.62 -1.13
N GLU A 69 -17.81 -10.71 -1.83
CA GLU A 69 -18.89 -11.40 -2.51
C GLU A 69 -19.90 -11.90 -1.49
N LYS A 70 -19.42 -12.52 -0.42
CA LYS A 70 -20.28 -12.99 0.65
C LYS A 70 -21.10 -11.86 1.23
N ASN A 71 -20.46 -10.72 1.51
CA ASN A 71 -21.15 -9.60 2.13
C ASN A 71 -22.20 -9.01 1.20
N GLU A 72 -21.91 -8.96 -0.09
CA GLU A 72 -22.87 -8.42 -1.05
C GLU A 72 -24.08 -9.31 -1.18
N GLN A 73 -23.87 -10.63 -1.18
CA GLN A 73 -25.00 -11.56 -1.19
C GLN A 73 -25.85 -11.42 0.05
N GLU A 74 -25.21 -11.33 1.22
CA GLU A 74 -25.93 -11.20 2.47
C GLU A 74 -26.71 -9.89 2.50
N LEU A 75 -26.15 -8.82 1.94
CA LEU A 75 -26.82 -7.52 1.92
C LEU A 75 -28.10 -7.58 1.07
N LEU A 76 -28.03 -8.22 -0.09
CA LEU A 76 -29.17 -8.33 -0.99
C LEU A 76 -30.25 -9.20 -0.37
N GLY A 77 -29.87 -10.01 0.61
CA GLY A 77 -30.82 -10.90 1.27
C GLY A 77 -31.36 -10.32 2.55
N GLY A 78 -30.91 -9.13 2.91
CA GLY A 78 -31.38 -8.46 4.13
C GLY A 78 -30.80 -9.02 5.41
N SER A 79 -29.69 -9.75 5.28
CA SER A 79 -28.95 -10.20 6.45
C SER A 79 -27.79 -9.21 6.63
N GLY A 80 -26.56 -9.74 6.68
CA GLY A 80 -25.42 -8.98 7.17
C GLY A 80 -25.12 -9.42 8.60
N GLY A 81 -23.83 -9.62 8.89
CA GLY A 81 -23.39 -10.05 10.23
C GLY A 81 -21.99 -9.54 10.53
N SER A 82 -21.12 -10.45 10.98
CA SER A 82 -19.75 -10.08 11.38
C SER A 82 -18.83 -9.93 10.16
N GLY A 83 -19.41 -10.14 8.98
CA GLY A 83 -18.71 -9.98 7.71
C GLY A 83 -18.17 -8.58 7.42
N ILE A 84 -18.86 -7.53 7.80
CA ILE A 84 -18.39 -6.17 7.63
C ILE A 84 -17.10 -5.90 8.45
N VAL A 85 -17.08 -6.30 9.71
CA VAL A 85 -15.93 -6.12 10.59
C VAL A 85 -14.77 -6.99 10.07
N GLN A 86 -15.06 -8.22 9.62
CA GLN A 86 -14.03 -9.08 9.03
C GLN A 86 -13.46 -8.44 7.78
N GLN A 87 -14.30 -7.80 6.97
CA GLN A 87 -13.79 -7.17 5.79
C GLN A 87 -12.91 -5.99 6.12
N GLN A 88 -13.21 -5.26 7.19
CA GLN A 88 -12.28 -4.20 7.60
C GLN A 88 -10.92 -4.76 8.05
N ASN A 89 -10.94 -5.93 8.67
CA ASN A 89 -9.70 -6.64 9.05
C ASN A 89 -8.90 -6.98 7.80
N ASN A 90 -9.60 -7.51 6.81
CA ASN A 90 -8.98 -7.93 5.54
C ASN A 90 -8.34 -6.73 4.84
N LEU A 91 -9.09 -5.64 4.71
CA LEU A 91 -8.62 -4.47 3.99
C LEU A 91 -7.47 -3.82 4.72
N LEU A 92 -7.51 -3.76 6.05
CA LEU A 92 -6.39 -3.25 6.81
C LEU A 92 -5.12 -4.07 6.57
N ARG A 93 -5.22 -5.40 6.58
CA ARG A 93 -4.04 -6.20 6.32
C ARG A 93 -3.51 -5.96 4.89
N ALA A 94 -4.40 -5.76 3.93
CA ALA A 94 -3.95 -5.45 2.55
C ALA A 94 -3.20 -4.11 2.51
N ILE A 95 -3.75 -3.09 3.18
CA ILE A 95 -3.11 -1.79 3.27
C ILE A 95 -1.71 -1.90 3.92
N GLU A 96 -1.60 -2.70 4.97
CA GLU A 96 -0.33 -2.89 5.67
C GLU A 96 0.70 -3.53 4.73
N ALA A 97 0.29 -4.56 3.99
CA ALA A 97 1.18 -5.24 3.03
C ALA A 97 1.61 -4.30 1.91
N GLN A 98 0.68 -3.51 1.37
CA GLN A 98 1.04 -2.51 0.38
C GLN A 98 1.98 -1.47 0.97
N GLN A 99 1.85 -1.12 2.26
CA GLN A 99 2.79 -0.17 2.84
C GLN A 99 4.22 -0.70 2.90
N HIS A 100 4.37 -2.00 3.17
CA HIS A 100 5.66 -2.63 3.09
C HIS A 100 6.21 -2.51 1.68
N LEU A 101 5.40 -2.84 0.69
CA LEU A 101 5.87 -2.72 -0.71
C LEU A 101 6.26 -1.28 -1.06
N LEU A 102 5.42 -0.33 -0.69
CA LEU A 102 5.72 1.09 -0.96
C LEU A 102 7.05 1.48 -0.35
N GLN A 103 7.27 1.13 0.92
CA GLN A 103 8.52 1.48 1.59
C GLN A 103 9.71 0.81 0.92
N LEU A 104 9.53 -0.45 0.45
CA LEU A 104 10.61 -1.10 -0.26
C LEU A 104 10.92 -0.37 -1.55
N THR A 105 9.88 0.11 -2.26
CA THR A 105 10.17 0.86 -3.48
C THR A 105 10.89 2.18 -3.17
N VAL A 106 10.52 2.83 -2.08
CA VAL A 106 11.23 4.06 -1.67
C VAL A 106 12.73 3.76 -1.47
N TRP A 107 13.04 2.66 -0.80
CA TRP A 107 14.43 2.29 -0.54
C TRP A 107 15.17 2.10 -1.88
N GLY A 108 14.55 1.40 -2.81
CA GLY A 108 15.18 1.16 -4.09
C GLY A 108 15.44 2.43 -4.87
N ILE A 109 14.46 3.34 -4.88
CA ILE A 109 14.63 4.61 -5.57
C ILE A 109 15.79 5.38 -4.95
N LYS A 110 15.88 5.42 -3.62
CA LYS A 110 16.95 6.11 -2.93
C LYS A 110 18.31 5.53 -3.28
N GLN A 111 18.41 4.21 -3.41
CA GLN A 111 19.71 3.61 -3.74
CA GLN A 111 19.69 3.60 -3.76
C GLN A 111 20.12 4.03 -5.16
N LEU A 112 19.17 3.99 -6.09
CA LEU A 112 19.46 4.36 -7.45
C LEU A 112 19.82 5.83 -7.57
N GLN A 113 19.09 6.69 -6.85
CA GLN A 113 19.33 8.12 -6.91
C GLN A 113 20.73 8.42 -6.35
N ALA A 114 21.11 7.77 -5.26
CA ALA A 114 22.42 8.01 -4.63
C ALA A 114 23.54 7.60 -5.58
N ARG A 115 23.29 6.56 -6.37
CA ARG A 115 24.28 6.04 -7.29
C ARG A 115 24.51 6.95 -8.48
N ILE A 116 23.42 7.42 -9.07
CA ILE A 116 23.47 8.00 -10.44
C ILE A 116 23.10 9.48 -10.51
N LEU A 117 22.62 10.05 -9.40
CA LEU A 117 22.46 11.50 -9.27
C LEU A 117 23.29 12.02 -8.09
N SER A 118 23.41 13.33 -7.93
CA SER A 118 24.02 13.87 -6.72
C SER A 118 22.97 14.60 -5.94
N GLY A 119 22.98 14.37 -4.62
CA GLY A 119 22.34 15.25 -3.65
C GLY A 119 20.90 15.65 -3.95
N GLY A 120 20.54 16.84 -3.46
CA GLY A 120 19.14 17.27 -3.43
C GLY A 120 18.59 18.09 -4.57
N SER A 121 19.40 18.41 -5.59
CA SER A 121 18.91 19.21 -6.72
C SER A 121 17.85 18.47 -7.51
N GLY A 122 17.18 19.17 -8.43
CA GLY A 122 16.22 18.56 -9.33
C GLY A 122 14.90 18.17 -8.69
N GLY A 123 14.69 18.64 -7.44
CA GLY A 123 13.48 18.33 -6.68
C GLY A 123 13.68 17.26 -5.61
N TRP A 124 14.89 16.70 -5.49
CA TRP A 124 15.05 15.50 -4.65
C TRP A 124 15.03 15.73 -3.13
N MET A 125 15.49 16.90 -2.69
CA MET A 125 15.50 17.22 -1.28
C MET A 125 14.06 17.32 -0.70
N GLU A 126 13.17 17.91 -1.47
CA GLU A 126 11.81 18.10 -1.01
C GLU A 126 11.06 16.81 -1.18
N TRP A 127 11.39 16.05 -2.23
CA TRP A 127 10.85 14.67 -2.40
C TRP A 127 11.07 13.86 -1.17
N ASP A 128 12.28 13.88 -0.64
CA ASP A 128 12.62 13.15 0.56
C ASP A 128 11.81 13.56 1.78
N ARG A 129 11.64 14.87 1.98
CA ARG A 129 10.81 15.34 3.06
C ARG A 129 9.34 14.91 2.94
N GLU A 130 8.78 15.02 1.73
CA GLU A 130 7.39 14.60 1.50
CA GLU A 130 7.38 14.60 1.42
C GLU A 130 7.21 13.09 1.61
N ILE A 131 8.15 12.33 1.09
CA ILE A 131 8.10 10.88 1.34
C ILE A 131 8.05 10.59 2.84
N ASN A 132 8.89 11.25 3.64
CA ASN A 132 8.94 11.03 5.09
C ASN A 132 7.63 11.49 5.74
N ASN A 133 7.06 12.60 5.24
CA ASN A 133 5.78 13.12 5.79
C ASN A 133 4.63 12.16 5.53
N TYR A 134 4.51 11.70 4.27
CA TYR A 134 3.41 10.80 3.92
C TYR A 134 3.58 9.43 4.53
N THR A 135 4.81 8.95 4.66
CA THR A 135 5.09 7.69 5.36
C THR A 135 4.68 7.80 6.81
N SER A 136 5.00 8.94 7.42
CA SER A 136 4.62 9.28 8.78
CA SER A 136 4.62 9.16 8.81
C SER A 136 3.10 9.24 9.00
N LEU A 137 2.40 9.91 8.09
CA LEU A 137 0.92 9.98 8.11
C LEU A 137 0.35 8.57 8.04
N ILE A 138 0.86 7.80 7.08
CA ILE A 138 0.34 6.46 6.88
C ILE A 138 0.56 5.56 8.10
N HIS A 139 1.72 5.61 8.74
CA HIS A 139 1.98 4.82 9.93
C HIS A 139 1.03 5.16 11.07
N SER A 140 0.76 6.45 11.20
CA SER A 140 -0.19 6.95 12.20
C SER A 140 -1.59 6.39 11.91
N LEU A 141 -2.02 6.50 10.65
CA LEU A 141 -3.33 6.00 10.21
C LEU A 141 -3.44 4.49 10.41
N ILE A 142 -2.40 3.76 10.04
CA ILE A 142 -2.40 2.32 10.27
C ILE A 142 -2.52 1.96 11.74
N GLU A 143 -1.74 2.63 12.59
CA GLU A 143 -1.80 2.32 14.03
C GLU A 143 -3.18 2.61 14.59
N GLU A 144 -3.75 3.73 14.20
CA GLU A 144 -5.11 4.06 14.65
C GLU A 144 -6.12 3.00 14.17
N SER A 145 -5.98 2.55 12.94
CA SER A 145 -6.86 1.53 12.36
C SER A 145 -6.69 0.20 13.11
N GLN A 146 -5.46 -0.16 13.47
CA GLN A 146 -5.25 -1.39 14.23
C GLN A 146 -5.93 -1.28 15.60
N ASN A 147 -5.78 -0.12 16.21
CA ASN A 147 -6.40 0.08 17.54
C ASN A 147 -7.94 0.05 17.42
N GLN A 148 -8.48 0.68 16.37
CA GLN A 148 -9.92 0.64 16.15
C GLN A 148 -10.45 -0.76 15.80
N GLN A 149 -9.66 -1.53 15.06
CA GLN A 149 -10.05 -2.90 14.73
C GLN A 149 -10.18 -3.75 15.98
N GLU A 150 -9.20 -3.64 16.87
CA GLU A 150 -9.27 -4.33 18.17
C GLU A 150 -10.50 -3.90 18.95
N LYS A 151 -10.76 -2.60 18.97
CA LYS A 151 -11.95 -2.05 19.67
C LYS A 151 -13.21 -2.64 19.07
N ASN A 152 -13.32 -2.69 17.74
CA ASN A 152 -14.50 -3.22 17.08
C ASN A 152 -14.71 -4.72 17.27
N GLU A 153 -13.63 -5.46 17.44
CA GLU A 153 -13.72 -6.88 17.56
C GLU A 153 -14.06 -7.23 19.01
N GLN A 154 -13.82 -6.30 19.96
CA GLN A 154 -14.15 -6.45 21.41
C GLN A 154 -15.44 -5.79 21.88
N GLU A 155 -15.77 -4.64 21.31
CA GLU A 155 -16.98 -3.88 21.68
C GLU A 155 -18.22 -4.57 21.15
N LEU A 156 -19.40 -4.14 21.64
CA LEU A 156 -20.64 -4.84 21.33
C LEU A 156 -21.59 -4.12 20.40
N LEU A 157 -21.40 -2.81 20.20
CA LEU A 157 -22.44 -2.03 19.51
C LEU A 157 -22.16 -1.68 18.04
N GLY A 158 -21.07 -2.18 17.47
CA GLY A 158 -20.69 -1.84 16.10
C GLY A 158 -21.78 -2.01 15.04
N GLY A 159 -22.55 -3.09 15.10
CA GLY A 159 -23.68 -3.28 14.18
C GLY A 159 -25.04 -2.91 14.76
N SER A 160 -25.03 -2.22 15.90
CA SER A 160 -26.26 -1.88 16.63
C SER A 160 -26.33 -0.40 16.94
N GLY A 161 -25.73 0.43 16.08
CA GLY A 161 -25.83 1.88 16.25
C GLY A 161 -24.59 2.56 16.75
N GLY A 162 -23.59 1.81 17.19
CA GLY A 162 -22.33 2.44 17.60
C GLY A 162 -21.57 2.99 16.38
N SER A 163 -20.53 3.76 16.68
CA SER A 163 -19.76 4.49 15.68
C SER A 163 -18.54 3.75 15.11
N GLY A 164 -18.18 2.62 15.69
CA GLY A 164 -16.86 2.03 15.43
C GLY A 164 -16.62 1.57 14.01
N ILE A 165 -17.66 1.05 13.36
CA ILE A 165 -17.51 0.57 11.97
C ILE A 165 -17.41 1.77 11.01
N VAL A 166 -18.23 2.81 11.19
CA VAL A 166 -18.10 4.01 10.41
C VAL A 166 -16.74 4.69 10.62
N GLN A 167 -16.29 4.74 11.86
CA GLN A 167 -14.97 5.30 12.15
C GLN A 167 -13.90 4.53 11.39
N GLN A 168 -13.95 3.20 11.46
CA GLN A 168 -12.93 2.39 10.88
C GLN A 168 -12.97 2.56 9.36
N GLN A 169 -14.15 2.63 8.77
CA GLN A 169 -14.18 2.80 7.31
C GLN A 169 -13.49 4.11 6.89
N ASN A 170 -13.66 5.17 7.67
CA ASN A 170 -13.02 6.42 7.35
C ASN A 170 -11.50 6.31 7.54
N ASN A 171 -11.06 5.61 8.58
CA ASN A 171 -9.63 5.39 8.81
C ASN A 171 -9.01 4.73 7.56
N LEU A 172 -9.67 3.70 7.04
CA LEU A 172 -9.11 2.91 5.91
C LEU A 172 -9.10 3.73 4.64
N LEU A 173 -10.13 4.53 4.43
CA LEU A 173 -10.18 5.45 3.28
C LEU A 173 -9.06 6.46 3.33
N ARG A 174 -8.82 7.05 4.48
CA ARG A 174 -7.75 8.02 4.60
C ARG A 174 -6.37 7.37 4.41
N ALA A 175 -6.23 6.12 4.84
CA ALA A 175 -4.95 5.42 4.68
C ALA A 175 -4.68 5.21 3.20
N ILE A 176 -5.67 4.71 2.48
CA ILE A 176 -5.53 4.51 1.04
C ILE A 176 -5.26 5.81 0.31
N GLU A 177 -5.93 6.87 0.72
CA GLU A 177 -5.70 8.16 0.04
C GLU A 177 -4.27 8.64 0.24
N ALA A 178 -3.74 8.47 1.44
CA ALA A 178 -2.35 8.82 1.71
C ALA A 178 -1.39 7.92 0.90
N GLN A 179 -1.70 6.63 0.79
CA GLN A 179 -0.86 5.70 0.02
C GLN A 179 -0.96 6.01 -1.49
N GLN A 180 -2.09 6.54 -1.98
CA GLN A 180 -2.19 6.98 -3.39
C GLN A 180 -1.20 8.11 -3.63
N HIS A 181 -1.06 9.01 -2.65
CA HIS A 181 -0.17 10.11 -2.81
C HIS A 181 1.28 9.65 -2.76
N LEU A 182 1.59 8.73 -1.83
CA LEU A 182 2.93 8.19 -1.73
C LEU A 182 3.35 7.51 -3.03
N LEU A 183 2.43 6.77 -3.66
CA LEU A 183 2.70 6.11 -4.92
C LEU A 183 2.92 7.13 -6.03
N GLN A 184 2.20 8.25 -6.02
CA GLN A 184 2.47 9.29 -7.00
CA GLN A 184 2.46 9.31 -6.98
C GLN A 184 3.88 9.86 -6.80
N LEU A 185 4.31 10.00 -5.55
CA LEU A 185 5.67 10.45 -5.28
C LEU A 185 6.73 9.43 -5.77
N THR A 186 6.51 8.14 -5.57
CA THR A 186 7.48 7.20 -6.07
C THR A 186 7.52 7.16 -7.60
N VAL A 187 6.37 7.30 -8.26
CA VAL A 187 6.33 7.42 -9.71
C VAL A 187 7.16 8.60 -10.19
N TRP A 188 7.00 9.75 -9.57
CA TRP A 188 7.85 10.92 -9.91
C TRP A 188 9.34 10.58 -9.81
N GLY A 189 9.74 9.96 -8.73
CA GLY A 189 11.16 9.63 -8.53
C GLY A 189 11.66 8.68 -9.62
N ILE A 190 10.87 7.67 -9.96
CA ILE A 190 11.25 6.73 -11.00
C ILE A 190 11.38 7.44 -12.34
N LYS A 191 10.45 8.34 -12.65
CA LYS A 191 10.54 9.08 -13.90
C LYS A 191 11.80 9.91 -13.98
N GLN A 192 12.23 10.51 -12.88
CA GLN A 192 13.48 11.31 -12.89
CA GLN A 192 13.47 11.31 -12.89
C GLN A 192 14.67 10.39 -13.21
N LEU A 193 14.65 9.20 -12.61
CA LEU A 193 15.72 8.23 -12.85
C LEU A 193 15.71 7.69 -14.28
N GLN A 194 14.54 7.41 -14.84
CA GLN A 194 14.41 6.99 -16.22
C GLN A 194 14.99 8.03 -17.17
N ALA A 195 14.76 9.31 -16.88
CA ALA A 195 15.28 10.37 -17.76
C ALA A 195 16.80 10.35 -17.82
N ARG A 196 17.43 9.94 -16.74
CA ARG A 196 18.90 9.86 -16.67
C ARG A 196 19.49 8.53 -17.20
N ILE A 197 18.80 7.44 -16.99
CA ILE A 197 19.35 6.11 -17.25
C ILE A 197 18.89 5.51 -18.55
N LEU A 198 17.63 5.77 -18.95
CA LEU A 198 17.06 5.09 -20.11
C LEU A 198 17.04 5.91 -21.39
C1 MPD B . 7.26 2.54 -13.64
C2 MPD B . 6.67 3.75 -14.36
O2 MPD B . 7.09 3.70 -15.76
CM MPD B . 7.24 5.04 -13.78
C3 MPD B . 5.15 3.71 -14.23
C4 MPD B . 4.39 4.38 -15.38
O4 MPD B . 5.17 5.43 -15.91
C5 MPD B . 3.05 4.93 -14.90
H11 MPD B . 6.43 2.08 -13.15
H12 MPD B . 7.79 2.03 -14.30
H13 MPD B . 7.90 3.07 -12.86
HO2 MPD B . 6.27 3.51 -16.33
HM1 MPD B . 6.35 5.80 -13.72
HM2 MPD B . 7.88 5.06 -13.23
HM3 MPD B . 7.66 5.59 -14.92
H31 MPD B . 4.83 2.67 -14.17
H32 MPD B . 4.87 4.19 -13.29
H4 MPD B . 4.21 3.63 -16.15
HO4 MPD B . 5.14 6.20 -15.31
H51 MPD B . 3.11 6.00 -14.93
H52 MPD B . 2.27 4.53 -15.46
H53 MPD B . 2.94 4.62 -13.81
C1 IPA C . 22.50 -8.23 -2.22
C2 IPA C . 22.55 -8.25 -0.69
C3 IPA C . 21.17 -8.41 0.02
O2 IPA C . 23.42 -7.28 -0.17
H11 IPA C . 23.17 -7.46 -2.60
H12 IPA C . 22.82 -9.20 -2.62
H13 IPA C . 21.49 -8.03 -2.57
H2 IPA C . 23.05 -9.20 -0.46
H31 IPA C . 21.12 -7.71 0.85
H32 IPA C . 20.38 -8.20 -0.69
H33 IPA C . 21.08 -9.43 0.38
HO2 IPA C . 24.33 -7.61 -0.16
#